data_5JSW
#
_entry.id   5JSW
#
_cell.length_a   90.336
_cell.length_b   64.956
_cell.length_c   70.782
_cell.angle_alpha   90.00
_cell.angle_beta   96.38
_cell.angle_gamma   90.00
#
_symmetry.space_group_name_H-M   'C 1 2 1'
#
loop_
_entity.id
_entity.type
_entity.pdbx_description
1 polymer 'Queuine tRNA-ribosyltransferase'
2 non-polymer 'ZINC ION'
3 non-polymer 1,2-ETHANEDIOL
4 non-polymer GLYCEROL
5 non-polymer "6-amino-2-({[(3a'R,4S,6'R,6a'R)-2,2,2',2'-tetramethyldihydro-3a'H-spiro[1,3-dioxolane-4,4'-furo[3,4-d][1,3]dioxol]-6'-yl]methyl}amino)-1,7-dihydro-8H-imidazo[4,5-g]quinazolin-8-one (non-preferred name)"
6 non-polymer 'CHLORIDE ION'
7 water water
#
_entity_poly.entity_id   1
_entity_poly.type   'polypeptide(L)'
_entity_poly.pdbx_seq_one_letter_code
;MVEATAQETDRPRFSFSIAAREGKARTGTIEMKRGVIRTPAFMPVGTAATVKALKPETVRATGADIILGNTYHLMLRPGA
ERIAKLGGLHSFMGWDRPILTDSGGYQVMSLSSLTKQSEEGVTFKSHLDGSRHMLSPERSIEIQHLLGSDIVMAFDECTP
YPATPSRAASSMERSMRWAKRSRDAFDSRKEQAENAALFGIQQGSVFENLRQQSADALAEIGFDGYAVGGLAVGEGQDEM
FRVLDFSVPMLPDDKPHYLMGVGKPDDIVGAVERGIDMFDCVLPTRSGRNGQAFTWDGPINIRNARFSEDLKPLDSECHC
AVCQKWSRAYIHHLIRAGEILGAMLMTEHNIAFYQQLMQKIRDSISEGRFSQFAQDFRARYFARNS
;
_entity_poly.pdbx_strand_id   A
#
loop_
_chem_comp.id
_chem_comp.type
_chem_comp.name
_chem_comp.formula
6MM non-polymer '6-amino-2-({[(3a'R,4S,6'R,6a'R)-2,2,2',2'-tetramethyldihydro-3a'H-spiro[1,3-dioxolane-4,4'-furo[3,4-d][1,3]dioxol]-6'-yl]methyl}amino)-1,7-dihydro-8H-imidazo[4,5-g]quinazolin-8-one (non-preferred name)' 'C21 H26 N6 O6'
CL non-polymer 'CHLORIDE ION' 'Cl -1'
EDO non-polymer 1,2-ETHANEDIOL 'C2 H6 O2'
GOL non-polymer GLYCEROL 'C3 H8 O3'
ZN non-polymer 'ZINC ION' 'Zn 2'
#
# COMPACT_ATOMS: atom_id res chain seq x y z
N ASP A 10 -27.18 -5.59 0.95
CA ASP A 10 -25.79 -6.03 1.07
C ASP A 10 -24.90 -5.39 0.01
N ARG A 11 -23.63 -5.25 0.34
CA ARG A 11 -22.70 -4.57 -0.55
C ARG A 11 -22.35 -5.45 -1.75
N PRO A 12 -21.98 -4.85 -2.87
CA PRO A 12 -21.53 -5.62 -4.03
C PRO A 12 -20.13 -6.19 -3.83
N ARG A 13 -19.76 -7.10 -4.73
CA ARG A 13 -18.37 -7.56 -4.80
C ARG A 13 -17.42 -6.37 -4.91
N PHE A 14 -17.72 -5.44 -5.81
CA PHE A 14 -16.83 -4.29 -6.00
C PHE A 14 -17.58 -3.17 -6.70
N SER A 15 -17.55 -1.99 -6.11
N SER A 15 -17.49 -1.95 -6.15
CA SER A 15 -18.06 -0.79 -6.75
CA SER A 15 -18.09 -0.79 -6.80
C SER A 15 -17.15 0.35 -6.32
C SER A 15 -17.38 0.48 -6.35
N PHE A 16 -16.68 1.13 -7.28
CA PHE A 16 -15.93 2.36 -7.00
C PHE A 16 -16.75 3.54 -7.48
N SER A 17 -17.00 4.50 -6.60
N SER A 17 -17.00 4.50 -6.60
N SER A 17 -17.01 4.47 -6.57
CA SER A 17 -17.79 5.67 -6.94
CA SER A 17 -17.79 5.68 -6.95
CA SER A 17 -17.76 5.68 -6.89
C SER A 17 -17.03 6.93 -6.53
C SER A 17 -17.04 6.93 -6.53
C SER A 17 -16.87 6.87 -6.59
N ILE A 18 -16.89 7.86 -7.46
CA ILE A 18 -16.18 9.11 -7.25
C ILE A 18 -17.21 10.17 -6.86
N ALA A 19 -17.06 10.73 -5.66
CA ALA A 19 -18.01 11.70 -5.13
C ALA A 19 -17.62 13.13 -5.44
N ALA A 20 -16.32 13.40 -5.59
CA ALA A 20 -15.87 14.77 -5.81
C ALA A 20 -14.49 14.74 -6.43
N ARG A 21 -14.16 15.80 -7.16
N ARG A 21 -14.18 15.79 -7.18
CA ARG A 21 -12.90 15.91 -7.88
CA ARG A 21 -12.91 15.92 -7.87
C ARG A 21 -12.38 17.34 -7.81
C ARG A 21 -12.37 17.33 -7.67
N GLU A 22 -11.06 17.46 -7.84
CA GLU A 22 -10.41 18.77 -7.92
C GLU A 22 -9.14 18.56 -8.72
N GLY A 23 -9.11 19.11 -9.92
CA GLY A 23 -7.99 18.79 -10.81
C GLY A 23 -7.96 17.30 -11.10
N LYS A 24 -6.78 16.69 -10.94
CA LYS A 24 -6.66 15.25 -11.08
C LYS A 24 -7.04 14.49 -9.83
N ALA A 25 -7.23 15.18 -8.70
CA ALA A 25 -7.53 14.51 -7.44
C ALA A 25 -8.99 14.08 -7.39
N ARG A 26 -9.23 12.94 -6.75
CA ARG A 26 -10.58 12.40 -6.60
C ARG A 26 -10.78 11.93 -5.18
N THR A 27 -12.02 11.98 -4.72
CA THR A 27 -12.39 11.34 -3.47
C THR A 27 -13.69 10.57 -3.67
N GLY A 28 -13.79 9.43 -3.00
CA GLY A 28 -14.95 8.58 -3.16
C GLY A 28 -14.88 7.35 -2.30
N THR A 29 -15.51 6.26 -2.75
CA THR A 29 -15.61 5.05 -1.95
C THR A 29 -15.49 3.83 -2.84
N ILE A 30 -14.84 2.80 -2.32
CA ILE A 30 -14.92 1.45 -2.87
C ILE A 30 -15.81 0.65 -1.94
N GLU A 31 -16.91 0.09 -2.45
CA GLU A 31 -17.74 -0.81 -1.68
C GLU A 31 -17.37 -2.25 -2.03
N MET A 32 -17.13 -3.05 -1.00
CA MET A 32 -16.84 -4.47 -1.15
C MET A 32 -17.66 -5.23 -0.11
N LYS A 33 -17.69 -6.55 -0.24
CA LYS A 33 -18.53 -7.33 0.67
C LYS A 33 -18.14 -7.13 2.13
N ARG A 34 -16.85 -7.02 2.42
N ARG A 34 -16.85 -7.01 2.42
CA ARG A 34 -16.43 -6.90 3.82
CA ARG A 34 -16.38 -6.90 3.79
C ARG A 34 -16.42 -5.47 4.35
C ARG A 34 -16.29 -5.46 4.31
N GLY A 35 -16.66 -4.47 3.52
CA GLY A 35 -16.70 -3.11 4.02
C GLY A 35 -16.49 -2.08 2.93
N VAL A 36 -16.59 -0.82 3.36
CA VAL A 36 -16.38 0.34 2.50
C VAL A 36 -14.99 0.91 2.75
N ILE A 37 -14.33 1.29 1.66
CA ILE A 37 -13.01 1.90 1.70
C ILE A 37 -13.13 3.33 1.22
N ARG A 38 -12.82 4.28 2.08
CA ARG A 38 -12.84 5.69 1.71
C ARG A 38 -11.55 6.05 0.99
N THR A 39 -11.68 6.76 -0.15
CA THR A 39 -10.51 7.10 -0.96
C THR A 39 -10.37 8.61 -1.10
N PRO A 40 -9.13 9.14 -1.15
CA PRO A 40 -7.87 8.40 -1.09
C PRO A 40 -7.67 7.65 0.23
N ALA A 41 -7.11 6.44 0.14
CA ALA A 41 -7.00 5.52 1.25
C ALA A 41 -5.53 5.22 1.54
N PHE A 42 -5.20 5.08 2.83
CA PHE A 42 -3.92 4.56 3.25
C PHE A 42 -4.12 3.20 3.90
N MET A 43 -3.36 2.21 3.42
CA MET A 43 -3.40 0.84 3.93
C MET A 43 -2.20 0.58 4.81
N PRO A 44 -2.38 0.40 6.13
CA PRO A 44 -1.29 -0.10 6.97
C PRO A 44 -0.82 -1.45 6.46
N VAL A 45 0.48 -1.68 6.60
CA VAL A 45 1.10 -2.90 6.10
C VAL A 45 1.10 -3.97 7.20
N GLY A 46 0.63 -5.16 6.86
CA GLY A 46 0.59 -6.30 7.77
C GLY A 46 1.17 -7.58 7.18
N THR A 47 2.45 -7.52 6.85
N THR A 47 2.44 -7.53 6.76
CA THR A 47 3.11 -8.54 6.04
CA THR A 47 3.01 -8.64 5.99
C THR A 47 3.13 -9.92 6.71
C THR A 47 2.93 -9.96 6.75
N ALA A 48 3.31 -9.97 8.02
CA ALA A 48 3.36 -11.22 8.77
C ALA A 48 2.01 -11.59 9.40
N ALA A 49 0.90 -11.23 8.76
CA ALA A 49 -0.45 -11.42 9.34
C ALA A 49 -0.63 -10.64 10.64
N THR A 50 0.02 -9.48 10.72
CA THR A 50 -0.14 -8.56 11.82
C THR A 50 0.38 -7.20 11.36
N VAL A 51 -0.35 -6.14 11.68
CA VAL A 51 0.21 -4.80 11.59
C VAL A 51 1.07 -4.64 12.83
N LYS A 52 2.39 -4.53 12.65
CA LYS A 52 3.32 -4.77 13.74
C LYS A 52 3.02 -3.88 14.94
N ALA A 53 2.89 -4.50 16.11
CA ALA A 53 2.69 -3.87 17.41
C ALA A 53 1.28 -3.36 17.65
N LEU A 54 0.30 -3.67 16.79
CA LEU A 54 -1.07 -3.20 16.97
C LEU A 54 -2.07 -4.36 16.91
N LYS A 55 -3.00 -4.39 17.86
CA LYS A 55 -4.18 -5.22 17.67
C LYS A 55 -4.99 -4.70 16.49
N PRO A 56 -5.71 -5.58 15.78
CA PRO A 56 -6.61 -5.11 14.71
C PRO A 56 -7.61 -4.06 15.16
N GLU A 57 -8.14 -4.17 16.38
CA GLU A 57 -9.09 -3.16 16.83
C GLU A 57 -8.42 -1.79 16.92
N THR A 58 -7.13 -1.74 17.25
CA THR A 58 -6.42 -0.47 17.28
C THR A 58 -6.19 0.05 15.88
N VAL A 59 -5.81 -0.83 14.95
CA VAL A 59 -5.72 -0.44 13.54
C VAL A 59 -7.03 0.20 13.09
N ARG A 60 -8.16 -0.43 13.40
CA ARG A 60 -9.44 0.12 13.00
C ARG A 60 -9.71 1.46 13.69
N ALA A 61 -9.39 1.55 14.99
CA ALA A 61 -9.67 2.78 15.73
C ALA A 61 -8.92 3.98 15.15
N THR A 62 -7.77 3.75 14.53
CA THR A 62 -7.05 4.86 13.91
C THR A 62 -7.72 5.36 12.65
N GLY A 63 -8.66 4.59 12.10
CA GLY A 63 -9.38 4.98 10.90
C GLY A 63 -9.12 4.13 9.67
N ALA A 64 -8.27 3.11 9.76
CA ALA A 64 -8.01 2.29 8.58
C ALA A 64 -9.26 1.52 8.16
N ASP A 65 -9.52 1.51 6.85
CA ASP A 65 -10.62 0.75 6.26
C ASP A 65 -10.16 -0.57 5.66
N ILE A 66 -8.85 -0.72 5.42
CA ILE A 66 -8.31 -1.86 4.68
C ILE A 66 -6.84 -1.93 5.07
N ILE A 67 -6.30 -3.16 5.11
CA ILE A 67 -4.88 -3.38 5.39
C ILE A 67 -4.28 -4.20 4.25
N LEU A 68 -2.95 -4.20 4.19
CA LEU A 68 -2.20 -4.92 3.16
C LEU A 68 -1.53 -6.15 3.74
N GLY A 69 -1.70 -7.29 3.06
CA GLY A 69 -0.93 -8.49 3.33
C GLY A 69 -0.06 -8.81 2.12
N ASN A 70 0.75 -9.87 2.27
N ASN A 70 0.82 -9.80 2.29
CA ASN A 70 1.75 -10.19 1.25
CA ASN A 70 1.71 -10.19 1.20
C ASN A 70 1.77 -11.69 0.97
C ASN A 70 1.67 -11.69 0.98
N THR A 71 1.50 -12.06 -0.29
CA THR A 71 1.52 -13.46 -0.73
C THR A 71 2.85 -14.12 -0.40
N TYR A 72 3.96 -13.46 -0.71
CA TYR A 72 5.27 -14.09 -0.54
C TYR A 72 5.53 -14.43 0.91
N HIS A 73 5.36 -13.46 1.81
CA HIS A 73 5.71 -13.73 3.20
C HIS A 73 4.80 -14.78 3.82
N LEU A 74 3.51 -14.72 3.53
CA LEU A 74 2.58 -15.67 4.13
C LEU A 74 2.74 -17.06 3.55
N MET A 75 3.16 -17.15 2.28
N MET A 75 3.18 -17.18 2.30
CA MET A 75 3.50 -18.44 1.68
CA MET A 75 3.42 -18.53 1.77
C MET A 75 4.57 -19.14 2.49
C MET A 75 4.62 -19.18 2.44
N LEU A 76 5.56 -18.38 2.96
CA LEU A 76 6.67 -18.96 3.71
C LEU A 76 6.28 -19.25 5.16
N ARG A 77 5.53 -18.34 5.77
CA ARG A 77 5.22 -18.46 7.19
C ARG A 77 3.94 -17.68 7.43
N PRO A 78 2.87 -18.36 7.89
CA PRO A 78 2.80 -19.75 8.33
C PRO A 78 2.47 -20.76 7.23
N GLY A 79 2.29 -20.30 6.00
CA GLY A 79 1.89 -21.15 4.88
C GLY A 79 0.47 -20.83 4.44
N ALA A 80 0.26 -20.82 3.11
CA ALA A 80 -1.04 -20.45 2.57
C ALA A 80 -2.09 -21.52 2.84
N GLU A 81 -1.74 -22.79 2.57
CA GLU A 81 -2.67 -23.88 2.83
C GLU A 81 -3.03 -23.95 4.31
N ARG A 82 -2.05 -23.70 5.19
CA ARG A 82 -2.33 -23.69 6.62
C ARG A 82 -3.34 -22.62 6.98
N ILE A 83 -3.15 -21.40 6.46
CA ILE A 83 -4.11 -20.34 6.77
C ILE A 83 -5.50 -20.72 6.27
N ALA A 84 -5.59 -21.30 5.07
CA ALA A 84 -6.89 -21.73 4.57
C ALA A 84 -7.53 -22.77 5.49
N LYS A 85 -6.74 -23.75 5.95
CA LYS A 85 -7.26 -24.76 6.86
C LYS A 85 -7.78 -24.14 8.15
N LEU A 86 -7.20 -23.02 8.57
CA LEU A 86 -7.57 -22.36 9.80
C LEU A 86 -8.72 -21.37 9.60
N GLY A 87 -9.25 -21.25 8.39
CA GLY A 87 -10.40 -20.41 8.14
C GLY A 87 -10.13 -19.15 7.36
N GLY A 88 -8.90 -18.94 6.89
CA GLY A 88 -8.58 -17.76 6.12
C GLY A 88 -7.88 -16.69 6.94
N LEU A 89 -7.28 -15.74 6.23
CA LEU A 89 -6.46 -14.72 6.87
C LEU A 89 -7.29 -13.81 7.78
N HIS A 90 -8.51 -13.48 7.39
CA HIS A 90 -9.33 -12.58 8.21
C HIS A 90 -9.57 -13.15 9.59
N SER A 91 -10.06 -14.39 9.64
N SER A 91 -10.03 -14.41 9.67
CA SER A 91 -10.29 -15.09 10.90
CA SER A 91 -10.28 -14.97 10.99
C SER A 91 -8.99 -15.27 11.67
C SER A 91 -8.97 -15.33 11.71
N PHE A 92 -7.93 -15.67 10.96
CA PHE A 92 -6.64 -15.99 11.59
C PHE A 92 -6.12 -14.81 12.39
N MET A 93 -6.09 -13.62 11.78
CA MET A 93 -5.51 -12.45 12.44
C MET A 93 -6.56 -11.58 13.14
N GLY A 94 -7.84 -11.82 12.93
CA GLY A 94 -8.85 -11.04 13.60
C GLY A 94 -9.14 -9.69 12.98
N TRP A 95 -9.01 -9.58 11.66
CA TRP A 95 -9.39 -8.38 10.93
C TRP A 95 -10.49 -8.78 9.96
N ASP A 96 -11.69 -8.25 10.16
CA ASP A 96 -12.84 -8.69 9.38
C ASP A 96 -13.20 -7.79 8.21
N ARG A 97 -12.42 -6.74 7.99
CA ARG A 97 -12.63 -5.79 6.91
C ARG A 97 -11.80 -6.16 5.69
N PRO A 98 -11.85 -5.39 4.59
CA PRO A 98 -11.08 -5.77 3.41
C PRO A 98 -9.59 -5.87 3.68
N ILE A 99 -8.96 -6.82 2.97
CA ILE A 99 -7.52 -6.99 2.92
C ILE A 99 -7.12 -7.02 1.46
N LEU A 100 -6.12 -6.21 1.10
CA LEU A 100 -5.47 -6.30 -0.20
C LEU A 100 -4.18 -7.10 -0.01
N THR A 101 -3.92 -8.05 -0.90
CA THR A 101 -2.66 -8.80 -0.84
C THR A 101 -1.80 -8.50 -2.05
N ASP A 102 -0.56 -8.07 -1.79
CA ASP A 102 0.39 -8.02 -2.87
C ASP A 102 0.71 -9.43 -3.33
N SER A 103 1.16 -9.55 -4.58
CA SER A 103 1.24 -10.82 -5.29
C SER A 103 2.58 -11.52 -5.15
N GLY A 104 3.61 -10.85 -4.62
CA GLY A 104 4.96 -11.34 -4.64
C GLY A 104 5.85 -10.68 -5.68
N GLY A 105 5.29 -9.86 -6.58
CA GLY A 105 6.08 -9.27 -7.65
C GLY A 105 7.17 -8.32 -7.18
N TYR A 106 7.01 -7.71 -5.99
CA TYR A 106 8.10 -6.90 -5.45
C TYR A 106 9.28 -7.79 -5.04
N GLN A 107 8.98 -8.92 -4.38
CA GLN A 107 10.03 -9.85 -3.96
C GLN A 107 10.72 -10.51 -5.15
N VAL A 108 10.04 -10.64 -6.29
CA VAL A 108 10.70 -11.11 -7.51
C VAL A 108 11.92 -10.24 -7.80
N MET A 109 11.83 -8.95 -7.50
N MET A 109 11.83 -8.94 -7.51
CA MET A 109 12.95 -8.04 -7.70
CA MET A 109 12.93 -8.01 -7.69
C MET A 109 13.86 -7.98 -6.46
C MET A 109 13.85 -7.98 -6.47
N SER A 110 13.29 -7.71 -5.29
CA SER A 110 14.12 -7.44 -4.11
C SER A 110 14.91 -8.66 -3.66
N LEU A 111 14.40 -9.86 -3.91
CA LEU A 111 15.06 -11.10 -3.51
C LEU A 111 15.59 -11.87 -4.72
N SER A 112 15.85 -11.15 -5.83
CA SER A 112 16.19 -11.80 -7.09
C SER A 112 17.42 -12.69 -6.98
N SER A 113 18.34 -12.39 -6.06
CA SER A 113 19.52 -13.23 -5.89
C SER A 113 19.17 -14.61 -5.34
N LEU A 114 17.99 -14.76 -4.74
CA LEU A 114 17.50 -16.05 -4.28
C LEU A 114 16.70 -16.79 -5.34
N THR A 115 16.57 -16.23 -6.55
CA THR A 115 15.57 -16.70 -7.47
C THR A 115 16.16 -17.32 -8.72
N LYS A 116 15.38 -18.20 -9.33
CA LYS A 116 15.49 -18.57 -10.73
C LYS A 116 14.19 -18.14 -11.39
N GLN A 117 14.30 -17.28 -12.40
N GLN A 117 14.29 -17.26 -12.40
CA GLN A 117 13.15 -16.73 -13.10
CA GLN A 117 13.12 -16.72 -13.07
C GLN A 117 13.04 -17.35 -14.48
C GLN A 117 13.03 -17.27 -14.49
N SER A 118 11.79 -17.52 -14.93
CA SER A 118 11.52 -17.94 -16.29
C SER A 118 10.18 -17.35 -16.68
N GLU A 119 9.80 -17.55 -17.94
CA GLU A 119 8.48 -17.14 -18.38
C GLU A 119 7.37 -17.81 -17.57
N GLU A 120 7.63 -18.99 -17.01
CA GLU A 120 6.60 -19.66 -16.22
C GLU A 120 6.39 -19.02 -14.85
N GLY A 121 7.44 -18.50 -14.24
CA GLY A 121 7.34 -17.95 -12.90
C GLY A 121 8.71 -17.85 -12.27
N VAL A 122 8.71 -17.81 -10.93
CA VAL A 122 9.91 -17.54 -10.16
C VAL A 122 9.99 -18.56 -9.03
N THR A 123 11.15 -19.21 -8.89
CA THR A 123 11.39 -20.10 -7.76
C THR A 123 12.39 -19.44 -6.82
N PHE A 124 12.03 -19.33 -5.54
CA PHE A 124 12.85 -18.73 -4.50
C PHE A 124 13.50 -19.84 -3.69
N LYS A 125 14.80 -19.68 -3.41
CA LYS A 125 15.55 -20.66 -2.60
C LYS A 125 16.04 -19.98 -1.34
N SER A 126 15.66 -20.52 -0.19
CA SER A 126 16.01 -19.91 1.09
C SER A 126 17.49 -20.07 1.39
N HIS A 127 18.09 -19.01 1.92
CA HIS A 127 19.50 -19.04 2.30
C HIS A 127 19.66 -19.50 3.75
N GLY A 130 17.10 -23.70 3.19
CA GLY A 130 17.40 -24.17 1.86
C GLY A 130 16.18 -24.59 1.07
N SER A 131 15.00 -24.38 1.66
CA SER A 131 13.76 -24.77 1.03
C SER A 131 13.50 -23.91 -0.21
N ARG A 132 12.75 -24.48 -1.16
CA ARG A 132 12.37 -23.78 -2.38
C ARG A 132 10.86 -23.52 -2.37
N HIS A 133 10.47 -22.34 -2.86
CA HIS A 133 9.07 -21.97 -2.98
C HIS A 133 8.86 -21.27 -4.31
N MET A 134 7.83 -21.69 -5.03
CA MET A 134 7.55 -21.22 -6.38
C MET A 134 6.39 -20.23 -6.37
N LEU A 135 6.53 -19.18 -7.18
CA LEU A 135 5.43 -18.30 -7.49
C LEU A 135 5.29 -18.16 -8.99
N SER A 136 4.05 -18.03 -9.43
CA SER A 136 3.70 -17.85 -10.83
C SER A 136 2.40 -17.11 -10.83
N PRO A 137 1.92 -16.63 -11.98
CA PRO A 137 0.58 -16.03 -11.97
C PRO A 137 -0.45 -16.97 -11.36
N GLU A 138 -0.42 -18.24 -11.73
CA GLU A 138 -1.44 -19.17 -11.24
C GLU A 138 -1.27 -19.45 -9.76
N ARG A 139 -0.04 -19.66 -9.30
CA ARG A 139 0.17 -19.99 -7.89
C ARG A 139 -0.05 -18.78 -7.00
N SER A 140 0.35 -17.59 -7.46
CA SER A 140 0.10 -16.38 -6.69
C SER A 140 -1.38 -16.13 -6.50
N ILE A 141 -2.17 -16.25 -7.58
N ILE A 141 -2.16 -16.22 -7.59
CA ILE A 141 -3.60 -16.04 -7.45
CA ILE A 141 -3.61 -16.05 -7.48
C ILE A 141 -4.22 -17.11 -6.58
C ILE A 141 -4.21 -17.11 -6.56
N GLU A 142 -3.73 -18.35 -6.66
CA GLU A 142 -4.22 -19.42 -5.80
C GLU A 142 -3.92 -19.12 -4.33
N ILE A 143 -2.69 -18.68 -4.02
CA ILE A 143 -2.37 -18.34 -2.63
C ILE A 143 -3.30 -17.24 -2.14
N GLN A 144 -3.52 -16.23 -2.96
CA GLN A 144 -4.39 -15.14 -2.53
C GLN A 144 -5.82 -15.63 -2.29
N HIS A 145 -6.27 -16.61 -3.07
CA HIS A 145 -7.55 -17.26 -2.80
C HIS A 145 -7.53 -18.00 -1.46
N LEU A 146 -6.49 -18.79 -1.21
CA LEU A 146 -6.39 -19.53 0.04
C LEU A 146 -6.38 -18.60 1.24
N LEU A 147 -5.74 -17.43 1.09
CA LEU A 147 -5.77 -16.42 2.15
C LEU A 147 -7.14 -15.79 2.31
N GLY A 148 -7.96 -15.81 1.26
CA GLY A 148 -9.24 -15.12 1.31
C GLY A 148 -9.12 -13.63 1.10
N SER A 149 -8.13 -13.20 0.33
N SER A 149 -8.12 -13.20 0.33
CA SER A 149 -7.91 -11.79 0.05
CA SER A 149 -7.93 -11.79 0.01
C SER A 149 -9.10 -11.16 -0.68
C SER A 149 -9.19 -11.20 -0.60
N ASP A 150 -9.43 -9.92 -0.30
CA ASP A 150 -10.50 -9.18 -0.97
C ASP A 150 -10.05 -8.48 -2.23
N ILE A 151 -8.88 -7.85 -2.21
CA ILE A 151 -8.28 -7.28 -3.42
C ILE A 151 -7.03 -8.06 -3.72
N VAL A 152 -7.08 -8.78 -4.83
CA VAL A 152 -6.01 -9.64 -5.32
C VAL A 152 -5.17 -8.85 -6.31
N MET A 153 -3.85 -8.85 -6.13
CA MET A 153 -2.97 -8.19 -7.09
C MET A 153 -2.47 -9.19 -8.12
N ALA A 154 -2.43 -8.76 -9.39
CA ALA A 154 -1.79 -9.56 -10.43
C ALA A 154 -0.34 -9.86 -10.07
N PHE A 155 0.15 -11.01 -10.53
CA PHE A 155 1.55 -11.37 -10.35
C PHE A 155 2.36 -10.72 -11.46
N ASP A 156 3.31 -9.87 -11.05
CA ASP A 156 4.12 -9.06 -11.95
C ASP A 156 5.59 -9.17 -11.56
N GLU A 157 6.43 -8.40 -12.23
CA GLU A 157 7.79 -8.14 -11.75
C GLU A 157 7.95 -6.64 -11.56
N CYS A 158 8.31 -6.23 -10.35
CA CYS A 158 8.72 -4.84 -10.13
C CYS A 158 10.07 -4.63 -10.82
N THR A 159 10.09 -3.88 -11.91
CA THR A 159 11.35 -3.71 -12.63
C THR A 159 12.35 -2.98 -11.75
N PRO A 160 13.59 -3.45 -11.66
CA PRO A 160 14.62 -2.73 -10.89
C PRO A 160 14.87 -1.35 -11.46
N TYR A 161 15.38 -0.47 -10.60
CA TYR A 161 15.70 0.90 -10.98
C TYR A 161 17.16 1.19 -10.63
N PRO A 162 17.89 1.82 -11.55
CA PRO A 162 17.46 2.19 -12.90
C PRO A 162 17.43 0.98 -13.84
N ALA A 163 16.70 1.13 -14.94
CA ALA A 163 16.64 0.10 -15.96
C ALA A 163 16.84 0.74 -17.33
N THR A 164 17.55 0.04 -18.21
CA THR A 164 17.65 0.51 -19.57
C THR A 164 16.30 0.38 -20.25
N PRO A 165 16.05 1.17 -21.29
CA PRO A 165 14.78 1.01 -22.02
C PRO A 165 14.53 -0.40 -22.52
N SER A 166 15.56 -1.09 -23.01
N SER A 166 15.56 -1.10 -22.99
CA SER A 166 15.36 -2.45 -23.49
CA SER A 166 15.37 -2.45 -23.51
C SER A 166 14.92 -3.37 -22.36
C SER A 166 14.99 -3.43 -22.40
N ARG A 167 15.63 -3.32 -21.22
CA ARG A 167 15.31 -4.22 -20.13
C ARG A 167 13.97 -3.86 -19.49
N ALA A 168 13.67 -2.56 -19.43
CA ALA A 168 12.36 -2.16 -18.92
C ALA A 168 11.25 -2.66 -19.82
N ALA A 169 11.46 -2.62 -21.13
CA ALA A 169 10.46 -3.13 -22.06
C ALA A 169 10.27 -4.63 -21.92
N SER A 170 11.38 -5.39 -21.87
CA SER A 170 11.28 -6.83 -21.73
C SER A 170 10.56 -7.21 -20.44
N SER A 171 10.89 -6.52 -19.35
CA SER A 171 10.27 -6.81 -18.06
C SER A 171 8.78 -6.49 -18.11
N MET A 172 8.43 -5.30 -18.63
CA MET A 172 7.03 -4.91 -18.72
C MET A 172 6.24 -5.89 -19.58
N GLU A 173 6.81 -6.33 -20.70
CA GLU A 173 6.09 -7.24 -21.60
C GLU A 173 5.80 -8.56 -20.90
N ARG A 174 6.78 -9.09 -20.16
CA ARG A 174 6.53 -10.30 -19.37
C ARG A 174 5.44 -10.04 -18.33
N SER A 175 5.51 -8.90 -17.64
CA SER A 175 4.46 -8.60 -16.67
C SER A 175 3.08 -8.54 -17.32
N MET A 176 2.99 -8.04 -18.55
CA MET A 176 1.68 -7.98 -19.18
C MET A 176 1.17 -9.37 -19.56
N ARG A 177 2.06 -10.26 -20.01
CA ARG A 177 1.68 -11.65 -20.22
C ARG A 177 1.23 -12.30 -18.91
N TRP A 178 1.96 -12.02 -17.82
CA TRP A 178 1.59 -12.53 -16.52
C TRP A 178 0.28 -11.93 -16.02
N ALA A 179 -0.01 -10.69 -16.42
CA ALA A 179 -1.29 -10.06 -16.03
C ALA A 179 -2.47 -10.79 -16.65
N LYS A 180 -2.33 -11.18 -17.93
CA LYS A 180 -3.39 -11.95 -18.57
C LYS A 180 -3.55 -13.32 -17.90
N ARG A 181 -2.42 -13.97 -17.60
CA ARG A 181 -2.51 -15.26 -16.89
C ARG A 181 -3.15 -15.07 -15.51
N SER A 182 -2.85 -13.96 -14.84
CA SER A 182 -3.46 -13.68 -13.53
C SER A 182 -4.97 -13.51 -13.66
N ARG A 183 -5.40 -12.73 -14.65
CA ARG A 183 -6.82 -12.54 -14.94
C ARG A 183 -7.52 -13.88 -15.15
N ASP A 184 -6.92 -14.75 -15.98
CA ASP A 184 -7.58 -16.01 -16.32
C ASP A 184 -7.62 -16.95 -15.12
N ALA A 185 -6.54 -16.96 -14.32
CA ALA A 185 -6.55 -17.81 -13.11
C ALA A 185 -7.62 -17.35 -12.13
N PHE A 186 -7.73 -16.04 -11.92
CA PHE A 186 -8.74 -15.48 -11.03
C PHE A 186 -10.14 -15.81 -11.53
N ASP A 187 -10.38 -15.62 -12.82
CA ASP A 187 -11.72 -15.84 -13.36
C ASP A 187 -12.13 -17.31 -13.34
N SER A 188 -11.16 -18.22 -13.43
N SER A 188 -11.16 -18.22 -13.42
CA SER A 188 -11.49 -19.64 -13.44
CA SER A 188 -11.42 -19.65 -13.44
C SER A 188 -12.04 -20.10 -12.10
C SER A 188 -11.73 -20.23 -12.07
N ARG A 189 -11.65 -19.43 -11.03
CA ARG A 189 -12.01 -19.85 -9.68
C ARG A 189 -13.26 -19.08 -9.28
N LYS A 190 -14.41 -19.74 -9.42
CA LYS A 190 -15.70 -19.04 -9.35
C LYS A 190 -15.87 -18.31 -8.01
N GLU A 191 -15.53 -18.96 -6.90
CA GLU A 191 -15.73 -18.33 -5.60
C GLU A 191 -14.89 -17.06 -5.47
N GLN A 192 -13.67 -17.10 -6.01
CA GLN A 192 -12.81 -15.92 -5.97
C GLN A 192 -13.34 -14.82 -6.89
N ALA A 193 -13.70 -15.18 -8.13
CA ALA A 193 -14.21 -14.21 -9.09
C ALA A 193 -15.48 -13.52 -8.59
N GLU A 194 -16.30 -14.23 -7.82
CA GLU A 194 -17.58 -13.67 -7.37
C GLU A 194 -17.46 -12.83 -6.10
N ASN A 195 -16.39 -12.97 -5.34
CA ASN A 195 -16.32 -12.34 -4.02
C ASN A 195 -15.13 -11.41 -3.82
N ALA A 196 -14.11 -11.50 -4.67
CA ALA A 196 -12.93 -10.66 -4.56
C ALA A 196 -12.83 -9.78 -5.81
N ALA A 197 -11.86 -8.86 -5.78
CA ALA A 197 -11.53 -8.01 -6.91
C ALA A 197 -10.10 -8.28 -7.33
N LEU A 198 -9.78 -7.94 -8.58
CA LEU A 198 -8.44 -8.16 -9.13
C LEU A 198 -7.92 -6.85 -9.69
N PHE A 199 -6.73 -6.44 -9.26
CA PHE A 199 -6.08 -5.24 -9.77
C PHE A 199 -4.89 -5.62 -10.65
N GLY A 200 -4.74 -4.91 -11.77
CA GLY A 200 -3.56 -5.05 -12.60
C GLY A 200 -2.50 -4.05 -12.19
N ILE A 201 -1.25 -4.31 -12.57
CA ILE A 201 -0.12 -3.49 -12.16
C ILE A 201 0.63 -2.98 -13.39
N GLN A 202 0.64 -1.67 -13.57
CA GLN A 202 1.35 -1.03 -14.67
C GLN A 202 2.85 -1.03 -14.39
N GLN A 203 3.63 -1.38 -15.41
CA GLN A 203 5.09 -1.30 -15.35
C GLN A 203 5.59 -0.39 -16.46
N GLY A 204 6.89 -0.43 -16.77
CA GLY A 204 7.45 0.45 -17.78
C GLY A 204 8.51 1.40 -17.25
N SER A 205 8.92 1.24 -15.99
CA SER A 205 10.01 2.02 -15.41
C SER A 205 9.66 3.50 -15.53
N VAL A 206 10.57 4.36 -15.99
CA VAL A 206 10.35 5.79 -16.06
C VAL A 206 10.02 6.25 -17.48
N PHE A 207 9.68 5.32 -18.37
CA PHE A 207 9.58 5.60 -19.79
C PHE A 207 8.12 5.73 -20.22
N GLU A 208 7.77 6.90 -20.75
CA GLU A 208 6.38 7.20 -21.08
C GLU A 208 5.80 6.20 -22.09
N ASN A 209 6.55 5.89 -23.14
CA ASN A 209 6.01 4.97 -24.15
C ASN A 209 5.73 3.59 -23.56
N LEU A 210 6.61 3.11 -22.68
CA LEU A 210 6.40 1.79 -22.06
C LEU A 210 5.24 1.83 -21.08
N ARG A 211 5.12 2.91 -20.31
CA ARG A 211 3.97 3.07 -19.43
C ARG A 211 2.66 3.07 -20.22
N GLN A 212 2.66 3.68 -21.41
CA GLN A 212 1.46 3.71 -22.24
C GLN A 212 1.13 2.32 -22.75
N GLN A 213 2.14 1.61 -23.27
N GLN A 213 2.14 1.59 -23.25
CA GLN A 213 1.91 0.22 -23.71
CA GLN A 213 1.88 0.23 -23.70
C GLN A 213 1.37 -0.64 -22.57
C GLN A 213 1.36 -0.64 -22.57
N SER A 214 1.91 -0.47 -21.37
CA SER A 214 1.46 -1.27 -20.24
C SER A 214 0.02 -0.92 -19.87
N ALA A 215 -0.30 0.37 -19.77
CA ALA A 215 -1.68 0.77 -19.48
C ALA A 215 -2.65 0.23 -20.53
N ASP A 216 -2.27 0.32 -21.81
CA ASP A 216 -3.15 -0.19 -22.87
C ASP A 216 -3.37 -1.68 -22.72
N ALA A 217 -2.31 -2.44 -22.42
CA ALA A 217 -2.46 -3.88 -22.26
C ALA A 217 -3.36 -4.22 -21.08
N LEU A 218 -3.19 -3.51 -19.96
CA LEU A 218 -4.01 -3.79 -18.79
C LEU A 218 -5.47 -3.43 -19.03
N ALA A 219 -5.73 -2.30 -19.70
CA ALA A 219 -7.10 -1.90 -19.96
C ALA A 219 -7.78 -2.87 -20.93
N GLU A 220 -7.02 -3.42 -21.89
CA GLU A 220 -7.59 -4.40 -22.81
C GLU A 220 -8.00 -5.67 -22.07
N ILE A 221 -7.17 -6.14 -21.14
CA ILE A 221 -7.53 -7.29 -20.32
C ILE A 221 -8.72 -6.95 -19.45
N GLY A 222 -8.67 -5.79 -18.77
CA GLY A 222 -9.72 -5.32 -17.91
C GLY A 222 -9.53 -5.79 -16.48
N PHE A 223 -9.46 -4.83 -15.55
CA PHE A 223 -9.28 -5.09 -14.12
C PHE A 223 -10.24 -4.21 -13.33
N ASP A 224 -10.40 -4.54 -12.04
CA ASP A 224 -11.22 -3.74 -11.14
C ASP A 224 -10.51 -2.49 -10.68
N GLY A 225 -9.19 -2.47 -10.74
CA GLY A 225 -8.39 -1.32 -10.32
C GLY A 225 -7.02 -1.48 -10.94
N TYR A 226 -6.25 -0.41 -10.90
CA TYR A 226 -4.97 -0.35 -11.60
C TYR A 226 -3.94 0.24 -10.67
N ALA A 227 -2.88 -0.52 -10.42
CA ALA A 227 -1.76 -0.04 -9.64
C ALA A 227 -0.70 0.52 -10.56
N VAL A 228 -0.04 1.59 -10.08
CA VAL A 228 1.20 2.05 -10.67
C VAL A 228 2.32 1.31 -9.93
N GLY A 229 2.88 0.31 -10.59
CA GLY A 229 4.00 -0.42 -10.06
C GLY A 229 5.32 0.18 -10.49
N GLY A 230 6.40 -0.40 -9.98
CA GLY A 230 7.72 -0.01 -10.43
C GLY A 230 8.21 1.33 -9.95
N LEU A 231 7.55 1.93 -8.97
CA LEU A 231 8.01 3.16 -8.34
C LEU A 231 8.31 2.89 -6.88
N ALA A 232 8.75 3.92 -6.16
CA ALA A 232 9.29 3.74 -4.81
C ALA A 232 10.37 2.65 -4.82
N VAL A 233 11.30 2.78 -5.78
CA VAL A 233 12.38 1.82 -5.97
C VAL A 233 13.73 2.54 -5.98
N GLY A 234 13.77 3.74 -5.39
CA GLY A 234 15.00 4.50 -5.31
C GLY A 234 15.07 5.70 -6.21
N GLU A 235 13.99 6.01 -6.95
N GLU A 235 14.05 5.93 -7.03
CA GLU A 235 14.05 7.04 -7.98
CA GLU A 235 13.96 7.22 -7.70
C GLU A 235 13.96 8.46 -7.44
C GLU A 235 13.63 8.28 -6.66
N GLY A 236 13.48 8.65 -6.21
N GLY A 236 14.06 9.51 -6.93
CA GLY A 236 13.34 9.98 -5.65
CA GLY A 236 13.67 10.60 -6.08
C GLY A 236 12.04 10.65 -6.05
C GLY A 236 12.22 10.97 -6.28
N GLN A 237 11.69 11.72 -5.31
CA GLN A 237 10.33 12.27 -5.43
C GLN A 237 10.11 13.00 -6.75
N ASP A 238 11.08 13.82 -7.18
CA ASP A 238 10.90 14.57 -8.42
C ASP A 238 10.63 13.63 -9.58
N GLU A 239 11.42 12.55 -9.68
CA GLU A 239 11.27 11.61 -10.77
C GLU A 239 9.97 10.82 -10.62
N MET A 240 9.64 10.40 -9.39
CA MET A 240 8.37 9.70 -9.20
C MET A 240 7.21 10.57 -9.65
N PHE A 241 7.22 11.85 -9.27
CA PHE A 241 6.15 12.75 -9.66
C PHE A 241 6.11 12.94 -11.18
N ARG A 242 7.28 13.04 -11.82
CA ARG A 242 7.33 13.17 -13.27
C ARG A 242 6.69 11.97 -13.95
N VAL A 243 6.98 10.76 -13.46
CA VAL A 243 6.39 9.56 -14.04
C VAL A 243 4.88 9.53 -13.78
N LEU A 244 4.46 9.89 -12.57
CA LEU A 244 3.02 9.93 -12.28
C LEU A 244 2.30 10.92 -13.18
N ASP A 245 2.94 12.06 -13.47
CA ASP A 245 2.31 13.09 -14.31
C ASP A 245 1.75 12.51 -15.60
N PHE A 246 2.54 11.67 -16.29
CA PHE A 246 2.05 11.08 -17.53
C PHE A 246 1.41 9.71 -17.34
N SER A 247 1.73 8.99 -16.25
CA SER A 247 1.29 7.60 -16.16
C SER A 247 -0.15 7.46 -15.66
N VAL A 248 -0.54 8.24 -14.65
CA VAL A 248 -1.89 8.08 -14.11
C VAL A 248 -2.96 8.38 -15.14
N PRO A 249 -2.86 9.44 -15.97
CA PRO A 249 -3.91 9.68 -16.97
C PRO A 249 -4.07 8.56 -17.97
N MET A 250 -3.09 7.66 -18.08
CA MET A 250 -3.21 6.54 -19.01
C MET A 250 -4.14 5.46 -18.50
N LEU A 251 -4.41 5.44 -17.19
CA LEU A 251 -5.21 4.40 -16.59
C LEU A 251 -6.69 4.77 -16.72
N PRO A 252 -7.59 3.77 -16.74
CA PRO A 252 -9.02 4.09 -16.77
C PRO A 252 -9.40 5.02 -15.62
N ASP A 253 -10.10 6.08 -15.97
CA ASP A 253 -10.48 7.09 -14.99
C ASP A 253 -11.44 6.56 -13.93
N ASP A 254 -12.32 5.62 -14.31
CA ASP A 254 -13.43 5.20 -13.46
C ASP A 254 -13.08 4.05 -12.53
N LYS A 255 -11.81 3.70 -12.40
N LYS A 255 -11.80 3.70 -12.42
CA LYS A 255 -11.35 2.65 -11.51
CA LYS A 255 -11.32 2.65 -11.53
C LYS A 255 -10.28 3.19 -10.59
C LYS A 255 -10.29 3.22 -10.57
N PRO A 256 -10.11 2.60 -9.40
CA PRO A 256 -9.09 3.10 -8.47
C PRO A 256 -7.67 3.00 -9.03
N HIS A 257 -6.84 3.95 -8.61
CA HIS A 257 -5.43 4.02 -8.98
C HIS A 257 -4.61 3.85 -7.72
N TYR A 258 -3.75 2.83 -7.66
CA TYR A 258 -3.06 2.43 -6.44
C TYR A 258 -1.55 2.59 -6.65
N LEU A 259 -0.92 3.47 -5.88
CA LEU A 259 0.52 3.66 -5.98
C LEU A 259 1.22 2.80 -4.93
N MET A 260 1.91 1.74 -5.38
CA MET A 260 2.41 0.72 -4.47
C MET A 260 3.66 1.21 -3.74
N GLY A 261 3.64 1.10 -2.41
CA GLY A 261 4.81 1.36 -1.59
C GLY A 261 5.04 2.80 -1.22
N VAL A 262 4.13 3.71 -1.58
CA VAL A 262 4.29 5.13 -1.29
C VAL A 262 3.33 5.51 -0.16
N GLY A 263 3.76 6.29 0.83
CA GLY A 263 5.11 6.81 0.97
C GLY A 263 5.13 7.82 2.12
N LYS A 264 6.08 8.74 2.08
CA LYS A 264 6.13 9.82 3.06
C LYS A 264 4.89 10.70 2.91
N PRO A 265 4.51 11.44 3.96
CA PRO A 265 3.31 12.29 3.85
C PRO A 265 3.30 13.20 2.64
N ASP A 266 4.41 13.85 2.31
N ASP A 266 4.42 13.86 2.31
CA ASP A 266 4.43 14.74 1.16
CA ASP A 266 4.43 14.74 1.14
C ASP A 266 4.37 13.97 -0.16
C ASP A 266 4.33 13.95 -0.15
N ASP A 267 4.88 12.73 -0.19
CA ASP A 267 4.70 11.88 -1.36
C ASP A 267 3.22 11.61 -1.60
N ILE A 268 2.50 11.30 -0.53
CA ILE A 268 1.08 10.99 -0.65
C ILE A 268 0.30 12.19 -1.16
N VAL A 269 0.57 13.37 -0.60
CA VAL A 269 -0.16 14.56 -1.03
C VAL A 269 0.08 14.83 -2.52
N GLY A 270 1.33 14.80 -2.96
CA GLY A 270 1.61 15.05 -4.36
C GLY A 270 1.07 13.97 -5.27
N ALA A 271 1.04 12.73 -4.80
CA ALA A 271 0.49 11.65 -5.61
C ALA A 271 -1.02 11.79 -5.75
N VAL A 272 -1.72 12.24 -4.69
CA VAL A 272 -3.15 12.51 -4.81
C VAL A 272 -3.39 13.63 -5.81
N GLU A 273 -2.55 14.67 -5.79
CA GLU A 273 -2.64 15.74 -6.77
C GLU A 273 -2.48 15.23 -8.19
N ARG A 274 -1.93 14.03 -8.36
CA ARG A 274 -1.70 13.44 -9.66
C ARG A 274 -2.64 12.28 -9.96
N GLY A 275 -3.68 12.08 -9.13
CA GLY A 275 -4.74 11.14 -9.43
C GLY A 275 -4.68 9.79 -8.74
N ILE A 276 -3.84 9.63 -7.72
CA ILE A 276 -3.76 8.37 -7.01
C ILE A 276 -4.83 8.30 -5.92
N ASP A 277 -5.45 7.12 -5.77
CA ASP A 277 -6.52 6.86 -4.82
C ASP A 277 -6.14 5.96 -3.66
N MET A 278 -5.04 5.20 -3.74
CA MET A 278 -4.72 4.22 -2.71
C MET A 278 -3.21 4.16 -2.54
N PHE A 279 -2.79 3.91 -1.29
CA PHE A 279 -1.40 3.94 -0.87
C PHE A 279 -1.17 2.86 0.18
N ASP A 280 0.08 2.39 0.25
CA ASP A 280 0.55 1.59 1.38
C ASP A 280 2.02 1.92 1.58
N CYS A 281 2.47 1.79 2.83
N CYS A 281 2.47 1.87 2.82
CA CYS A 281 3.85 2.12 3.15
CA CYS A 281 3.91 1.89 3.02
C CYS A 281 4.21 1.55 4.51
C CYS A 281 4.23 1.53 4.46
N VAL A 282 5.44 1.03 4.65
CA VAL A 282 5.91 0.61 5.97
C VAL A 282 6.41 1.76 6.83
N LEU A 283 6.55 2.96 6.27
CA LEU A 283 7.14 4.08 7.02
C LEU A 283 6.49 4.32 8.38
N PRO A 284 5.16 4.46 8.51
CA PRO A 284 4.63 4.77 9.85
C PRO A 284 4.89 3.69 10.88
N THR A 285 4.80 2.42 10.49
CA THR A 285 5.04 1.32 11.41
C THR A 285 6.54 1.15 11.68
N ARG A 286 7.32 0.91 10.62
CA ARG A 286 8.74 0.62 10.81
C ARG A 286 9.49 1.80 11.43
N SER A 287 9.28 3.00 10.88
CA SER A 287 10.05 4.11 11.43
C SER A 287 9.52 4.51 12.82
N GLY A 288 8.25 4.24 13.10
CA GLY A 288 7.74 4.41 14.45
C GLY A 288 8.47 3.57 15.46
N ARG A 289 8.67 2.27 15.15
CA ARG A 289 9.44 1.40 16.04
C ARG A 289 10.87 1.92 16.20
N ASN A 290 11.41 2.58 15.19
N ASN A 290 11.40 2.58 15.19
CA ASN A 290 12.75 3.12 15.26
CA ASN A 290 12.75 3.14 15.23
C ASN A 290 12.83 4.45 16.02
C ASN A 290 12.79 4.56 15.80
N GLY A 291 11.69 5.05 16.35
CA GLY A 291 11.68 6.30 17.08
C GLY A 291 11.26 7.53 16.29
N GLN A 292 10.87 7.39 15.03
CA GLN A 292 10.44 8.55 14.25
C GLN A 292 8.94 8.72 14.38
N ALA A 293 8.51 9.90 14.83
CA ALA A 293 7.11 10.25 14.95
C ALA A 293 6.76 11.32 13.92
N PHE A 294 5.65 11.13 13.23
CA PHE A 294 5.17 12.13 12.30
C PHE A 294 4.34 13.20 13.00
N THR A 295 4.59 14.47 12.64
CA THR A 295 3.83 15.58 13.18
C THR A 295 3.52 16.53 12.04
N TRP A 296 2.55 17.42 12.26
CA TRP A 296 2.20 18.40 11.23
C TRP A 296 3.33 19.40 10.99
N ASP A 297 4.30 19.46 11.91
CA ASP A 297 5.51 20.27 11.75
C ASP A 297 6.70 19.46 11.27
N GLY A 298 6.46 18.29 10.68
CA GLY A 298 7.52 17.43 10.20
C GLY A 298 7.82 16.30 11.16
N PRO A 299 8.61 15.33 10.72
CA PRO A 299 8.95 14.22 11.61
C PRO A 299 9.91 14.65 12.71
N ILE A 300 9.85 13.94 13.84
CA ILE A 300 10.79 14.12 14.94
C ILE A 300 11.35 12.75 15.31
N ASN A 301 12.57 12.73 15.86
CA ASN A 301 13.14 11.49 16.38
C ASN A 301 13.05 11.55 17.90
N ILE A 302 12.11 10.78 18.44
CA ILE A 302 11.79 10.82 19.85
C ILE A 302 12.96 10.40 20.73
N ARG A 303 13.94 9.71 20.17
N ARG A 303 13.94 9.69 20.17
CA ARG A 303 15.11 9.33 20.96
CA ARG A 303 15.12 9.31 20.93
C ARG A 303 16.01 10.51 21.28
C ARG A 303 15.97 10.52 21.31
N ASN A 304 15.84 11.63 20.59
CA ASN A 304 16.72 12.78 20.81
C ASN A 304 16.57 13.29 22.25
N ALA A 305 17.72 13.62 22.85
CA ALA A 305 17.78 14.08 24.23
C ALA A 305 16.88 15.29 24.48
N ARG A 306 16.58 16.08 23.44
CA ARG A 306 15.73 17.25 23.64
C ARG A 306 14.33 16.89 24.09
N PHE A 307 13.92 15.63 23.94
CA PHE A 307 12.58 15.21 24.34
C PHE A 307 12.51 14.58 25.72
N SER A 308 13.64 14.50 26.44
CA SER A 308 13.69 13.72 27.68
C SER A 308 12.78 14.29 28.77
N GLU A 309 12.50 15.59 28.71
CA GLU A 309 11.63 16.22 29.71
C GLU A 309 10.49 17.01 29.06
N ASP A 310 10.13 16.66 27.84
CA ASP A 310 9.11 17.36 27.09
C ASP A 310 7.75 16.74 27.42
N LEU A 311 6.89 17.50 28.10
CA LEU A 311 5.60 16.96 28.50
C LEU A 311 4.55 17.04 27.41
N LYS A 312 4.84 17.67 26.27
CA LYS A 312 3.86 17.77 25.21
C LYS A 312 3.61 16.39 24.59
N PRO A 313 2.45 16.18 24.00
CA PRO A 313 2.23 14.97 23.20
C PRO A 313 3.10 14.98 21.95
N LEU A 314 3.17 13.81 21.30
CA LEU A 314 3.94 13.69 20.06
C LEU A 314 3.60 14.82 19.08
N ASP A 315 2.31 15.04 18.84
CA ASP A 315 1.87 16.13 17.98
C ASP A 315 0.79 16.94 18.68
N SER A 316 0.83 18.26 18.48
CA SER A 316 0.01 19.19 19.26
C SER A 316 -1.46 19.16 18.88
N GLU A 317 -1.81 18.65 17.70
CA GLU A 317 -3.19 18.63 17.25
C GLU A 317 -3.76 17.23 17.10
N CYS A 318 -2.90 16.21 17.04
CA CYS A 318 -3.32 14.85 16.76
C CYS A 318 -4.37 14.39 17.76
N HIS A 319 -5.40 13.72 17.24
CA HIS A 319 -6.51 13.25 18.05
C HIS A 319 -6.33 11.82 18.56
N CYS A 320 -5.17 11.19 18.35
CA CYS A 320 -5.07 9.79 18.68
C CYS A 320 -4.99 9.57 20.19
N ALA A 321 -5.23 8.33 20.60
CA ALA A 321 -5.23 7.99 22.02
C ALA A 321 -3.86 8.20 22.65
N VAL A 322 -2.78 8.04 21.87
CA VAL A 322 -1.44 8.23 22.41
C VAL A 322 -1.23 9.70 22.79
N CYS A 323 -1.64 10.60 21.89
CA CYS A 323 -1.46 12.02 22.14
C CYS A 323 -2.42 12.55 23.19
N GLN A 324 -3.51 11.84 23.46
CA GLN A 324 -4.39 12.24 24.55
C GLN A 324 -3.81 11.90 25.92
N LYS A 325 -2.89 10.91 26.00
N LYS A 325 -2.91 10.94 26.01
CA LYS A 325 -2.58 10.23 27.26
CA LYS A 325 -2.53 10.45 27.33
C LYS A 325 -1.11 10.26 27.69
C LYS A 325 -1.06 10.64 27.66
N TRP A 326 -0.15 10.27 26.76
CA TRP A 326 1.26 10.18 27.12
C TRP A 326 2.10 11.32 26.53
N SER A 327 3.17 11.65 27.25
CA SER A 327 4.11 12.68 26.85
C SER A 327 5.21 12.15 25.95
N ARG A 328 5.79 13.08 25.20
CA ARG A 328 7.05 12.80 24.50
C ARG A 328 8.10 12.24 25.47
N ALA A 329 8.19 12.80 26.68
CA ALA A 329 9.20 12.35 27.63
C ALA A 329 9.03 10.87 27.96
N TYR A 330 7.80 10.42 28.16
CA TYR A 330 7.59 9.02 28.47
C TYR A 330 7.93 8.13 27.29
N ILE A 331 7.51 8.52 26.10
CA ILE A 331 7.77 7.70 24.92
C ILE A 331 9.26 7.68 24.60
N HIS A 332 9.94 8.81 24.80
CA HIS A 332 11.40 8.88 24.70
C HIS A 332 12.04 7.83 25.60
N HIS A 333 11.62 7.79 26.87
CA HIS A 333 12.13 6.79 27.79
C HIS A 333 11.88 5.37 27.29
N LEU A 334 10.66 5.10 26.84
CA LEU A 334 10.34 3.74 26.41
C LEU A 334 11.19 3.31 25.22
N ILE A 335 11.34 4.19 24.22
CA ILE A 335 12.11 3.81 23.03
C ILE A 335 13.58 3.64 23.38
N ARG A 336 14.13 4.57 24.18
N ARG A 336 14.14 4.54 24.20
CA ARG A 336 15.51 4.45 24.67
CA ARG A 336 15.56 4.37 24.56
C ARG A 336 15.72 3.11 25.36
C ARG A 336 15.78 3.17 25.47
N ALA A 337 14.75 2.69 26.16
CA ALA A 337 14.85 1.47 26.95
C ALA A 337 14.57 0.21 26.15
N GLY A 338 14.17 0.34 24.89
CA GLY A 338 13.80 -0.83 24.11
C GLY A 338 12.51 -1.49 24.54
N GLU A 339 11.61 -0.73 25.16
CA GLU A 339 10.38 -1.30 25.69
C GLU A 339 9.35 -1.49 24.59
N ILE A 340 8.65 -2.62 24.65
CA ILE A 340 7.61 -2.92 23.67
C ILE A 340 6.54 -1.84 23.64
N LEU A 341 6.15 -1.32 24.80
CA LEU A 341 5.13 -0.27 24.80
C LEU A 341 5.57 0.95 23.98
N GLY A 342 6.88 1.22 23.90
CA GLY A 342 7.32 2.30 23.04
C GLY A 342 6.97 2.07 21.58
N ALA A 343 7.24 0.86 21.08
CA ALA A 343 6.86 0.51 19.72
C ALA A 343 5.35 0.61 19.53
N MET A 344 4.58 0.12 20.51
CA MET A 344 3.12 0.17 20.41
C MET A 344 2.62 1.61 20.29
N LEU A 345 3.11 2.50 21.16
CA LEU A 345 2.60 3.87 21.17
C LEU A 345 3.04 4.65 19.95
N MET A 346 4.32 4.52 19.56
CA MET A 346 4.79 5.21 18.37
C MET A 346 4.01 4.75 17.14
N THR A 347 3.75 3.45 17.05
CA THR A 347 3.08 2.91 15.87
C THR A 347 1.64 3.37 15.79
N GLU A 348 0.93 3.32 16.93
CA GLU A 348 -0.46 3.77 16.93
C GLU A 348 -0.54 5.23 16.54
N HIS A 349 0.32 6.07 17.10
CA HIS A 349 0.30 7.48 16.73
C HIS A 349 0.60 7.67 15.24
N ASN A 350 1.63 7.00 14.72
CA ASN A 350 1.99 7.25 13.33
C ASN A 350 0.90 6.79 12.37
N ILE A 351 0.28 5.64 12.64
CA ILE A 351 -0.80 5.18 11.79
C ILE A 351 -2.00 6.12 11.90
N ALA A 352 -2.30 6.60 13.12
CA ALA A 352 -3.38 7.57 13.28
C ALA A 352 -3.07 8.86 12.54
N PHE A 353 -1.82 9.31 12.58
CA PHE A 353 -1.42 10.51 11.84
C PHE A 353 -1.67 10.31 10.35
N TYR A 354 -1.22 9.17 9.81
CA TYR A 354 -1.46 8.89 8.39
C TYR A 354 -2.94 8.89 8.06
N GLN A 355 -3.77 8.31 8.94
CA GLN A 355 -5.20 8.29 8.64
C GLN A 355 -5.81 9.68 8.72
N GLN A 356 -5.34 10.52 9.66
CA GLN A 356 -5.80 11.90 9.74
C GLN A 356 -5.39 12.69 8.50
N LEU A 357 -4.18 12.44 7.99
CA LEU A 357 -3.78 13.02 6.72
C LEU A 357 -4.75 12.63 5.61
N MET A 358 -5.09 11.34 5.52
CA MET A 358 -6.01 10.92 4.47
C MET A 358 -7.38 11.56 4.64
N GLN A 359 -7.83 11.70 5.89
CA GLN A 359 -9.13 12.33 6.14
C GLN A 359 -9.11 13.79 5.71
N LYS A 360 -8.03 14.51 6.03
CA LYS A 360 -7.92 15.90 5.60
C LYS A 360 -7.88 16.01 4.08
N ILE A 361 -7.20 15.06 3.42
CA ILE A 361 -7.18 15.04 1.96
C ILE A 361 -8.59 14.83 1.42
N ARG A 362 -9.30 13.81 1.94
CA ARG A 362 -10.65 13.53 1.47
C ARG A 362 -11.58 14.72 1.68
N ASP A 363 -11.54 15.32 2.88
CA ASP A 363 -12.41 16.44 3.17
C ASP A 363 -12.09 17.64 2.28
N SER A 364 -10.80 17.91 2.07
CA SER A 364 -10.45 19.08 1.27
C SER A 364 -10.85 18.90 -0.18
N ILE A 365 -10.69 17.70 -0.75
CA ILE A 365 -11.17 17.47 -2.12
C ILE A 365 -12.68 17.65 -2.18
N SER A 366 -13.39 17.05 -1.21
N SER A 366 -13.40 17.08 -1.21
CA SER A 366 -14.85 17.16 -1.17
CA SER A 366 -14.86 17.17 -1.25
C SER A 366 -15.30 18.61 -1.16
C SER A 366 -15.36 18.59 -1.04
N GLU A 367 -14.53 19.47 -0.50
CA GLU A 367 -14.87 20.87 -0.34
C GLU A 367 -14.22 21.77 -1.39
N GLY A 368 -13.48 21.20 -2.34
CA GLY A 368 -12.90 22.01 -3.38
C GLY A 368 -11.77 22.90 -2.93
N ARG A 369 -11.06 22.51 -1.86
CA ARG A 369 -9.96 23.30 -1.32
C ARG A 369 -8.72 22.45 -1.11
N PHE A 370 -8.56 21.39 -1.92
CA PHE A 370 -7.41 20.51 -1.76
C PHE A 370 -6.11 21.19 -2.18
N SER A 371 -6.14 21.99 -3.24
CA SER A 371 -4.91 22.68 -3.64
C SER A 371 -4.41 23.57 -2.51
N GLN A 372 -5.31 24.28 -1.85
CA GLN A 372 -4.92 25.10 -0.72
C GLN A 372 -4.42 24.24 0.43
N PHE A 373 -5.09 23.12 0.70
CA PHE A 373 -4.61 22.22 1.75
C PHE A 373 -3.19 21.75 1.47
N ALA A 374 -2.91 21.34 0.22
CA ALA A 374 -1.59 20.84 -0.13
C ALA A 374 -0.53 21.92 0.11
N GLN A 375 -0.81 23.16 -0.29
N GLN A 375 -0.82 23.16 -0.27
CA GLN A 375 0.14 24.24 -0.07
CA GLN A 375 0.15 24.24 -0.07
C GLN A 375 0.35 24.50 1.41
C GLN A 375 0.34 24.55 1.41
N ASP A 376 -0.74 24.57 2.18
CA ASP A 376 -0.63 24.82 3.62
C ASP A 376 0.09 23.68 4.32
N PHE A 377 -0.22 22.44 3.93
CA PHE A 377 0.44 21.28 4.51
C PHE A 377 1.94 21.35 4.30
N ARG A 378 2.37 21.61 3.06
N ARG A 378 2.37 21.60 3.06
CA ARG A 378 3.80 21.64 2.77
CA ARG A 378 3.79 21.65 2.75
C ARG A 378 4.50 22.79 3.48
C ARG A 378 4.49 22.78 3.48
N ALA A 379 3.85 23.96 3.53
CA ALA A 379 4.48 25.11 4.17
C ALA A 379 4.77 24.85 5.64
N ARG A 380 3.85 24.17 6.32
CA ARG A 380 4.06 23.89 7.74
C ARG A 380 4.95 22.67 7.96
N TYR A 381 4.75 21.61 7.17
CA TYR A 381 5.52 20.38 7.35
C TYR A 381 7.00 20.60 7.11
N PHE A 382 7.35 21.48 6.18
CA PHE A 382 8.75 21.75 5.82
C PHE A 382 9.29 23.05 6.40
N ALA A 383 8.55 23.70 7.29
CA ALA A 383 9.00 24.96 7.89
C ALA A 383 10.29 24.77 8.70
ZN ZN B . -1.09 11.09 18.08
C1 EDO C . -18.93 6.82 -10.28
O1 EDO C . -19.89 7.60 -9.57
C2 EDO C . -17.65 7.60 -10.50
O2 EDO C . -16.81 6.87 -11.40
C1 EDO D . -13.08 4.29 12.04
O1 EDO D . -12.37 4.66 13.22
C2 EDO D . -13.62 5.54 11.34
O2 EDO D . -12.54 6.30 10.79
C1 EDO E . -11.64 -15.97 -1.57
O1 EDO E . -11.16 -15.92 -2.92
C2 EDO E . -12.82 -15.02 -1.40
O2 EDO E . -12.42 -13.88 -0.64
C1 EDO F . -14.84 -6.73 -14.04
O1 EDO F . -14.85 -8.10 -13.61
C2 EDO F . -13.47 -6.38 -14.63
O2 EDO F . -12.44 -6.48 -13.64
C1 GOL G . -10.79 -5.15 13.93
O1 GOL G . -10.81 -5.96 15.09
C2 GOL G . -12.02 -5.46 13.10
O2 GOL G . -11.95 -6.78 12.60
C3 GOL G . -12.14 -4.45 11.98
O3 GOL G . -13.49 -4.33 11.62
C1 GOL H . 1.13 14.29 28.50
O1 GOL H . 1.77 15.22 29.37
C2 GOL H . -0.24 14.77 28.06
O2 GOL H . -0.37 16.17 28.17
C3 GOL H . -0.50 14.33 26.62
O3 GOL H . -1.56 15.08 26.08
C1 GOL I . -1.85 20.90 7.80
O1 GOL I . -0.77 21.80 7.97
C2 GOL I . -2.97 21.30 8.74
O2 GOL I . -4.19 20.77 8.25
C3 GOL I . -2.70 20.73 10.12
O3 GOL I . -3.76 21.07 10.98
C1 GOL J . -18.80 0.91 -9.67
O1 GOL J . -19.12 2.28 -9.62
C2 GOL J . -17.72 0.52 -10.68
O2 GOL J . -16.59 0.09 -9.95
C3 GOL J . -17.41 1.70 -11.59
O3 GOL J . -16.45 1.36 -12.57
C1 GOL K . 6.78 -4.94 1.59
O1 GOL K . 5.54 -4.26 1.69
C2 GOL K . 7.23 -5.08 0.15
O2 GOL K . 6.28 -5.84 -0.60
C3 GOL K . 7.48 -3.75 -0.53
O3 GOL K . 6.32 -2.93 -0.55
C1 GOL L . -13.72 0.90 -17.88
O1 GOL L . -12.77 1.12 -16.88
C2 GOL L . -14.71 -0.12 -17.35
O2 GOL L . -15.69 0.52 -16.57
C3 GOL L . -15.35 -0.91 -18.50
O3 GOL L . -16.29 -1.80 -17.95
C1 GOL M . -6.76 5.45 18.18
O1 GOL M . -5.69 6.23 18.71
C2 GOL M . -8.05 6.23 18.17
O2 GOL M . -8.59 6.30 19.50
C3 GOL M . -7.88 7.61 17.60
O3 GOL M . -7.08 7.56 16.43
C1 6MM N . 11.64 2.83 0.05
C2 6MM N . 11.27 3.53 -1.22
C3 6MM N . 12.59 0.75 0.43
C4 6MM N . 11.07 0.59 0.43
C5 6MM N . 9.43 -0.78 -0.58
C6 6MM N . 8.30 0.13 -1.05
C10 6MM N . 5.70 -2.92 -6.58
C13 6MM N . 5.19 -3.63 -5.48
O2 6MM N . 5.89 -2.96 -8.97
C11 6MM N . 5.50 -3.49 -7.93
N2 6MM N . 4.83 -4.68 -7.95
C12 6MM N . 4.33 -5.31 -6.85
N3 6MM N . 3.70 -6.47 -7.03
N4 6MM N . 4.49 -4.82 -5.63
C9 6MM N . 6.45 -1.75 -6.40
C14 6MM N . 5.44 -3.18 -4.18
C15 6MM N . 6.23 -2.06 -4.02
C8 6MM N . 6.72 -1.34 -5.10
N1 6MM N . 7.54 -0.30 -4.64
N5 6MM N . 6.77 -1.45 -2.89
C7 6MM N . 7.53 -0.43 -3.32
N 6MM N . 8.26 0.33 -2.48
O1 6MM N . 10.68 -0.08 -0.76
C16 6MM N . 9.39 -1.10 0.91
C20 6MM N . 10.48 -0.24 1.58
O4 6MM N . 11.36 -1.17 2.19
C17 6MM N . 10.74 -2.46 2.21
C18 6MM N . 11.77 -3.52 1.95
C19 6MM N . 10.01 -2.65 3.51
O3 6MM N . 9.80 -2.44 1.14
O 6MM N . 12.79 2.01 -0.18
O5 6MM N . 10.59 1.92 0.42
C 6MM N . 11.91 3.77 1.19
CL CL O . 6.39 -2.48 9.33
#